data_8QTO
#
_entry.id   8QTO
#
_cell.length_a   75.200
_cell.length_b   75.200
_cell.length_c   217.470
_cell.angle_alpha   90.000
_cell.angle_beta   90.000
_cell.angle_gamma   90.000
#
_symmetry.space_group_name_H-M   'I 4 2 2'
#
loop_
_entity.id
_entity.type
_entity.pdbx_description
1 polymer 'FNR type regulator'
2 non-polymer 'IRON/SULFUR CLUSTER'
3 non-polymer (4S)-2-METHYL-2,4-PENTANEDIOL
4 water water
#
_entity_poly.entity_id   1
_entity_poly.type   'polypeptide(L)'
_entity_poly.pdbx_seq_one_letter_code
;MWSHPQFEKASSDNSANKRIQSGGCAIHCQDCSISQHCIPFTLNDSELDQLDEIIERKKPIQKGQELFKAGDELKCLYAI
RSGTIKSYTITEQGDEQITAFHLAGDLVGFDAITEAQHPSFAQALETSMVCEIPYEILDDLSGKMPKLRQQIMRLMSNEI
KGDQEMILLLSKKNAEERLAAFLYNLSTRFHQRGFSPREFRLTMTRGDIGNYLGLTVETISRLLGRFQKTEMLTVKGKYI
TINDHDALAELAGSAKEIK
;
_entity_poly.pdbx_strand_id   A
#
# COMPACT_ATOMS: atom_id res chain seq x y z
N ALA A 26 -6.92 -24.34 -1.18
CA ALA A 26 -7.44 -23.00 -1.42
C ALA A 26 -6.30 -22.02 -1.75
N ILE A 27 -6.12 -21.01 -0.90
CA ILE A 27 -5.11 -19.98 -1.14
C ILE A 27 -3.74 -20.55 -0.82
N HIS A 28 -2.84 -20.55 -1.81
CA HIS A 28 -1.46 -20.98 -1.63
C HIS A 28 -0.55 -20.11 -2.49
N CYS A 29 0.70 -19.94 -2.02
CA CYS A 29 1.65 -19.09 -2.74
C CYS A 29 2.02 -19.68 -4.10
N GLN A 30 1.96 -21.01 -4.23
CA GLN A 30 2.30 -21.64 -5.51
C GLN A 30 1.34 -21.21 -6.61
N ASP A 31 0.09 -20.91 -6.26
CA ASP A 31 -0.91 -20.48 -7.24
C ASP A 31 -1.34 -19.05 -6.97
N CYS A 32 -0.38 -18.12 -6.91
CA CYS A 32 -0.63 -16.73 -6.62
C CYS A 32 0.00 -15.88 -7.71
N SER A 33 -0.78 -14.93 -8.26
CA SER A 33 -0.30 -14.10 -9.35
C SER A 33 0.63 -12.99 -8.86
N ILE A 34 0.59 -12.65 -7.58
CA ILE A 34 1.42 -11.59 -7.03
C ILE A 34 2.67 -12.16 -6.34
N SER A 35 2.98 -13.44 -6.58
CA SER A 35 4.13 -14.06 -5.94
C SER A 35 5.41 -13.31 -6.24
N GLN A 36 5.57 -12.76 -7.46
CA GLN A 36 6.80 -12.07 -7.80
C GLN A 36 6.95 -10.74 -7.10
N HIS A 37 5.84 -10.18 -6.56
CA HIS A 37 5.89 -8.91 -5.85
C HIS A 37 5.68 -9.08 -4.34
N CYS A 38 5.26 -10.25 -3.88
CA CYS A 38 5.04 -10.49 -2.46
C CYS A 38 6.30 -11.10 -1.85
N ILE A 39 6.15 -11.79 -0.72
CA ILE A 39 7.29 -12.33 0.01
C ILE A 39 7.96 -13.55 -0.65
N PRO A 40 7.28 -14.41 -1.39
CA PRO A 40 7.96 -15.60 -1.93
C PRO A 40 8.82 -15.34 -3.15
N PHE A 41 9.10 -14.08 -3.49
CA PHE A 41 9.89 -13.77 -4.67
C PHE A 41 11.29 -14.39 -4.57
N THR A 42 11.74 -14.97 -5.68
CA THR A 42 13.01 -15.65 -5.92
C THR A 42 13.07 -17.03 -5.28
N LEU A 43 12.08 -17.44 -4.50
CA LEU A 43 12.09 -18.77 -3.88
C LEU A 43 11.79 -19.83 -4.93
N ASN A 44 12.61 -20.89 -4.95
CA ASN A 44 12.34 -22.02 -5.83
C ASN A 44 11.16 -22.83 -5.26
N ASP A 45 10.91 -24.01 -5.83
CA ASP A 45 9.71 -24.77 -5.49
C ASP A 45 9.75 -25.28 -4.05
N SER A 46 10.89 -25.82 -3.63
CA SER A 46 11.01 -26.37 -2.29
C SER A 46 11.00 -25.27 -1.23
N GLU A 47 11.80 -24.22 -1.47
CA GLU A 47 11.77 -23.05 -0.59
C GLU A 47 10.36 -22.47 -0.50
N LEU A 48 9.62 -22.49 -1.61
CA LEU A 48 8.28 -21.92 -1.63
C LEU A 48 7.31 -22.79 -0.84
N ASP A 49 7.41 -24.11 -0.97
CA ASP A 49 6.63 -25.02 -0.13
C ASP A 49 6.89 -24.74 1.35
N GLN A 50 8.18 -24.62 1.70
CA GLN A 50 8.55 -24.39 3.09
C GLN A 50 7.94 -23.09 3.61
N LEU A 51 8.03 -22.03 2.81
CA LEU A 51 7.45 -20.75 3.23
C LEU A 51 5.94 -20.84 3.37
N ASP A 52 5.28 -21.45 2.38
CA ASP A 52 3.82 -21.48 2.38
C ASP A 52 3.27 -22.28 3.54
N GLU A 53 4.02 -23.27 4.03
CA GLU A 53 3.51 -24.08 5.14
C GLU A 53 3.17 -23.24 6.36
N ILE A 54 3.98 -22.22 6.66
CA ILE A 54 3.78 -21.45 7.89
C ILE A 54 2.69 -20.40 7.75
N ILE A 55 2.31 -20.02 6.54
CA ILE A 55 1.35 -18.94 6.34
C ILE A 55 -0.07 -19.46 6.54
N GLU A 56 -0.91 -18.65 7.20
CA GLU A 56 -2.26 -19.05 7.55
C GLU A 56 -3.27 -18.13 6.88
N ARG A 57 -4.34 -18.71 6.35
CA ARG A 57 -5.44 -17.97 5.73
C ARG A 57 -6.71 -18.24 6.53
N LYS A 58 -7.24 -17.18 7.13
CA LYS A 58 -8.45 -17.28 7.93
C LYS A 58 -9.60 -16.61 7.18
N LYS A 59 -10.66 -16.28 7.90
CA LYS A 59 -11.84 -15.69 7.27
C LYS A 59 -11.47 -14.35 6.64
N PRO A 60 -12.17 -13.95 5.58
CA PRO A 60 -11.86 -12.67 4.93
C PRO A 60 -12.08 -11.49 5.87
N ILE A 61 -11.30 -10.44 5.64
CA ILE A 61 -11.36 -9.23 6.47
C ILE A 61 -12.43 -8.32 5.90
N GLN A 62 -13.42 -7.99 6.73
CA GLN A 62 -14.53 -7.14 6.31
C GLN A 62 -14.10 -5.69 6.20
N LYS A 63 -14.89 -4.90 5.48
CA LYS A 63 -14.60 -3.48 5.35
C LYS A 63 -14.73 -2.78 6.69
N GLY A 64 -13.71 -1.99 7.04
CA GLY A 64 -13.67 -1.33 8.32
C GLY A 64 -13.10 -2.16 9.45
N GLN A 65 -12.78 -3.42 9.20
CA GLN A 65 -12.21 -4.29 10.21
C GLN A 65 -10.72 -4.04 10.34
N GLU A 66 -10.22 -4.05 11.58
CA GLU A 66 -8.83 -3.76 11.85
C GLU A 66 -8.02 -5.04 11.98
N LEU A 67 -6.90 -5.10 11.27
CA LEU A 67 -5.96 -6.21 11.41
C LEU A 67 -5.29 -6.19 12.78
N PHE A 68 -4.88 -5.01 13.24
CA PHE A 68 -4.31 -4.84 14.56
C PHE A 68 -4.52 -3.40 14.99
N LYS A 69 -4.34 -3.17 16.29
CA LYS A 69 -4.40 -1.84 16.88
C LYS A 69 -3.01 -1.45 17.38
N ALA A 70 -2.80 -0.15 17.54
CA ALA A 70 -1.54 0.33 18.09
C ALA A 70 -1.33 -0.22 19.49
N GLY A 71 -0.14 -0.76 19.75
CA GLY A 71 0.17 -1.39 21.01
C GLY A 71 -0.05 -2.88 21.05
N ASP A 72 -0.74 -3.46 20.07
CA ASP A 72 -0.89 -4.90 20.01
C ASP A 72 0.47 -5.58 19.88
N GLU A 73 0.61 -6.72 20.52
CA GLU A 73 1.83 -7.52 20.40
C GLU A 73 2.02 -7.95 18.94
N LEU A 74 3.26 -7.86 18.48
CA LEU A 74 3.59 -8.38 17.16
C LEU A 74 3.50 -9.90 17.18
N LYS A 75 2.51 -10.45 16.47
CA LYS A 75 2.38 -11.88 16.30
C LYS A 75 2.71 -12.30 14.88
N CYS A 76 2.06 -11.68 13.90
CA CYS A 76 2.27 -12.01 12.50
C CYS A 76 2.31 -10.73 11.68
N LEU A 77 3.04 -10.80 10.57
CA LEU A 77 2.92 -9.83 9.49
C LEU A 77 1.75 -10.22 8.60
N TYR A 78 1.28 -9.25 7.82
CA TYR A 78 0.10 -9.45 6.99
C TYR A 78 0.44 -9.11 5.55
N ALA A 79 0.38 -10.11 4.68
CA ALA A 79 0.41 -9.88 3.25
C ALA A 79 -1.02 -9.77 2.74
N ILE A 80 -1.19 -9.01 1.65
CA ILE A 80 -2.50 -8.72 1.10
C ILE A 80 -2.69 -9.55 -0.16
N ARG A 81 -3.47 -10.62 -0.04
CA ARG A 81 -3.79 -11.44 -1.20
C ARG A 81 -4.72 -10.70 -2.15
N SER A 82 -5.68 -9.95 -1.59
CA SER A 82 -6.57 -9.10 -2.37
C SER A 82 -7.19 -8.08 -1.43
N GLY A 83 -7.54 -6.93 -1.99
CA GLY A 83 -8.18 -5.86 -1.24
C GLY A 83 -7.28 -4.65 -1.05
N THR A 84 -7.64 -3.84 -0.06
CA THR A 84 -6.96 -2.58 0.23
C THR A 84 -6.89 -2.41 1.74
N ILE A 85 -5.72 -2.03 2.25
CA ILE A 85 -5.53 -1.76 3.67
C ILE A 85 -5.00 -0.34 3.83
N LYS A 86 -5.33 0.30 4.95
CA LYS A 86 -4.76 1.59 5.29
C LYS A 86 -4.09 1.50 6.66
N SER A 87 -2.89 2.06 6.75
CA SER A 87 -2.18 2.18 8.02
C SER A 87 -2.37 3.61 8.53
N TYR A 88 -2.60 3.73 9.83
CA TYR A 88 -2.83 5.05 10.40
C TYR A 88 -2.49 5.05 11.87
N THR A 89 -2.25 6.24 12.40
CA THR A 89 -2.02 6.47 13.82
C THR A 89 -3.08 7.45 14.33
N ILE A 90 -3.21 7.54 15.65
CA ILE A 90 -4.18 8.42 16.30
C ILE A 90 -3.41 9.44 17.11
N THR A 91 -3.62 10.72 16.82
CA THR A 91 -2.91 11.79 17.53
C THR A 91 -3.41 11.89 18.96
N GLU A 92 -2.69 12.69 19.76
CA GLU A 92 -3.10 12.91 21.14
C GLU A 92 -4.49 13.51 21.24
N GLN A 93 -4.92 14.24 20.22
CA GLN A 93 -6.24 14.85 20.19
C GLN A 93 -7.29 13.96 19.53
N GLY A 94 -6.95 12.72 19.22
CA GLY A 94 -7.90 11.76 18.71
C GLY A 94 -8.09 11.76 17.21
N ASP A 95 -7.33 12.55 16.47
CA ASP A 95 -7.48 12.60 15.02
C ASP A 95 -6.70 11.47 14.35
N GLU A 96 -7.32 10.86 13.35
CA GLU A 96 -6.65 9.85 12.55
C GLU A 96 -5.76 10.50 11.51
N GLN A 97 -4.57 9.94 11.31
CA GLN A 97 -3.66 10.38 10.26
C GLN A 97 -3.14 9.13 9.55
N ILE A 98 -3.47 9.02 8.26
CA ILE A 98 -3.09 7.86 7.46
C ILE A 98 -1.63 8.00 7.03
N THR A 99 -0.88 6.90 7.08
CA THR A 99 0.51 6.94 6.69
C THR A 99 0.80 6.17 5.42
N ALA A 100 -0.11 5.29 4.99
CA ALA A 100 0.11 4.49 3.80
C ALA A 100 -1.18 3.78 3.43
N PHE A 101 -1.33 3.55 2.13
CA PHE A 101 -2.32 2.63 1.60
C PHE A 101 -1.54 1.42 1.07
N HIS A 102 -2.06 0.22 1.31
CA HIS A 102 -1.41 -1.01 0.89
C HIS A 102 -2.34 -1.75 -0.04
N LEU A 103 -1.79 -2.18 -1.19
CA LEU A 103 -2.50 -2.94 -2.20
C LEU A 103 -2.08 -4.40 -2.11
N ALA A 104 -2.61 -5.21 -3.03
CA ALA A 104 -2.28 -6.62 -3.06
C ALA A 104 -0.79 -6.82 -3.33
N GLY A 105 -0.17 -7.70 -2.55
CA GLY A 105 1.25 -7.94 -2.63
C GLY A 105 2.08 -7.17 -1.62
N ASP A 106 1.52 -6.13 -0.99
CA ASP A 106 2.23 -5.39 0.02
C ASP A 106 2.17 -6.11 1.35
N LEU A 107 3.21 -5.92 2.16
CA LEU A 107 3.30 -6.48 3.49
C LEU A 107 3.12 -5.38 4.52
N VAL A 108 2.25 -5.62 5.49
CA VAL A 108 1.91 -4.66 6.55
C VAL A 108 2.45 -5.17 7.87
N GLY A 109 3.12 -4.29 8.61
CA GLY A 109 3.57 -4.64 9.94
C GLY A 109 5.06 -4.55 10.15
N PHE A 110 5.76 -3.97 9.17
CA PHE A 110 7.21 -3.83 9.28
C PHE A 110 7.62 -2.90 10.42
N ASP A 111 6.80 -1.88 10.71
CA ASP A 111 7.11 -0.95 11.78
C ASP A 111 6.99 -1.59 13.16
N ALA A 112 6.46 -2.80 13.26
CA ALA A 112 6.25 -3.45 14.55
C ALA A 112 7.41 -4.33 14.97
N ILE A 113 8.44 -4.48 14.14
CA ILE A 113 9.53 -5.40 14.44
C ILE A 113 10.45 -4.83 15.50
N THR A 114 10.76 -3.53 15.39
CA THR A 114 11.81 -2.93 16.23
C THR A 114 11.50 -3.09 17.72
N GLU A 115 10.22 -3.19 18.10
CA GLU A 115 9.86 -3.35 19.51
C GLU A 115 8.87 -4.49 19.74
N ALA A 116 8.69 -5.39 18.75
CA ALA A 116 7.76 -6.52 18.87
C ALA A 116 6.36 -6.06 19.26
N GLN A 117 5.97 -4.89 18.75
CA GLN A 117 4.69 -4.28 19.11
C GLN A 117 4.29 -3.34 18.00
N HIS A 118 3.02 -3.38 17.62
CA HIS A 118 2.53 -2.55 16.54
C HIS A 118 2.41 -1.10 17.00
N PRO A 119 3.17 -0.17 16.39
CA PRO A 119 2.98 1.24 16.74
C PRO A 119 1.86 1.91 15.97
N SER A 120 1.15 1.18 15.10
CA SER A 120 0.15 1.76 14.23
C SER A 120 -1.04 0.82 14.09
N PHE A 121 -2.10 1.34 13.48
CA PHE A 121 -3.31 0.60 13.14
C PHE A 121 -3.29 0.24 11.67
N ALA A 122 -3.95 -0.86 11.33
CA ALA A 122 -4.20 -1.26 9.95
C ALA A 122 -5.66 -1.63 9.82
N GLN A 123 -6.33 -1.10 8.80
CA GLN A 123 -7.77 -1.29 8.65
C GLN A 123 -8.11 -1.54 7.18
N ALA A 124 -8.99 -2.51 6.95
CA ALA A 124 -9.42 -2.82 5.59
C ALA A 124 -10.40 -1.78 5.07
N LEU A 125 -10.18 -1.32 3.83
CA LEU A 125 -11.07 -0.37 3.17
C LEU A 125 -12.11 -1.04 2.29
N GLU A 126 -11.92 -2.33 1.98
CA GLU A 126 -12.92 -3.14 1.31
C GLU A 126 -12.80 -4.55 1.86
N THR A 127 -13.64 -5.46 1.35
CA THR A 127 -13.49 -6.86 1.68
C THR A 127 -12.15 -7.37 1.17
N SER A 128 -11.31 -7.86 2.08
CA SER A 128 -9.93 -8.16 1.72
C SER A 128 -9.54 -9.54 2.23
N MET A 129 -8.66 -10.20 1.46
CA MET A 129 -8.04 -11.45 1.86
C MET A 129 -6.62 -11.17 2.33
N VAL A 130 -6.27 -11.66 3.52
CA VAL A 130 -4.94 -11.45 4.07
C VAL A 130 -4.29 -12.80 4.37
N CYS A 131 -2.98 -12.85 4.17
CA CYS A 131 -2.14 -13.98 4.55
C CYS A 131 -1.38 -13.61 5.81
N GLU A 132 -1.62 -14.37 6.88
CA GLU A 132 -0.98 -14.14 8.17
C GLU A 132 0.33 -14.92 8.24
N ILE A 133 1.44 -14.21 8.40
CA ILE A 133 2.76 -14.82 8.44
C ILE A 133 3.33 -14.65 9.84
N PRO A 134 3.35 -15.70 10.66
CA PRO A 134 3.94 -15.58 12.01
C PRO A 134 5.37 -15.10 11.93
N TYR A 135 5.65 -14.00 12.64
CA TYR A 135 6.92 -13.33 12.44
C TYR A 135 8.10 -14.11 12.99
N GLU A 136 7.96 -14.71 14.17
CA GLU A 136 9.10 -15.41 14.76
C GLU A 136 9.44 -16.67 13.96
N ILE A 137 8.41 -17.39 13.51
CA ILE A 137 8.64 -18.55 12.65
C ILE A 137 9.24 -18.12 11.32
N LEU A 138 8.74 -17.01 10.78
CA LEU A 138 9.28 -16.48 9.52
C LEU A 138 10.75 -16.09 9.66
N ASP A 139 11.10 -15.43 10.77
CA ASP A 139 12.48 -15.01 10.98
C ASP A 139 13.38 -16.21 11.23
N ASP A 140 12.84 -17.25 11.85
CA ASP A 140 13.58 -18.50 11.97
C ASP A 140 13.83 -19.11 10.59
N LEU A 141 12.83 -19.03 9.70
CA LEU A 141 13.00 -19.54 8.34
C LEU A 141 14.03 -18.73 7.57
N SER A 142 14.01 -17.40 7.72
CA SER A 142 14.93 -16.56 6.97
C SER A 142 16.37 -16.79 7.40
N GLY A 143 16.58 -17.21 8.65
CA GLY A 143 17.89 -17.66 9.07
C GLY A 143 18.35 -18.95 8.45
N LYS A 144 17.45 -19.65 7.74
CA LYS A 144 17.79 -20.89 7.04
C LYS A 144 17.65 -20.78 5.53
N MET A 145 16.98 -19.75 5.01
CA MET A 145 16.79 -19.55 3.58
C MET A 145 17.33 -18.17 3.21
N PRO A 146 18.55 -18.09 2.66
CA PRO A 146 19.15 -16.76 2.42
C PRO A 146 18.41 -15.93 1.39
N LYS A 147 17.82 -16.55 0.36
CA LYS A 147 17.05 -15.78 -0.62
C LYS A 147 15.88 -15.06 0.04
N LEU A 148 15.15 -15.76 0.92
CA LEU A 148 14.05 -15.14 1.65
C LEU A 148 14.55 -14.01 2.55
N ARG A 149 15.69 -14.21 3.20
CA ARG A 149 16.27 -13.15 4.02
C ARG A 149 16.51 -11.91 3.19
N GLN A 150 17.14 -12.08 2.02
CA GLN A 150 17.45 -10.94 1.16
C GLN A 150 16.19 -10.27 0.63
N GLN A 151 15.15 -11.07 0.34
CA GLN A 151 13.90 -10.49 -0.13
C GLN A 151 13.22 -9.68 0.97
N ILE A 152 13.30 -10.15 2.21
CA ILE A 152 12.75 -9.39 3.34
C ILE A 152 13.50 -8.07 3.50
N MET A 153 14.83 -8.13 3.39
CA MET A 153 15.64 -6.91 3.42
C MET A 153 15.19 -5.92 2.36
N ARG A 154 15.06 -6.39 1.12
CA ARG A 154 14.69 -5.50 0.03
C ARG A 154 13.30 -4.92 0.23
N LEU A 155 12.35 -5.69 0.77
CA LEU A 155 11.01 -5.16 0.97
C LEU A 155 11.02 -4.06 2.03
N MET A 156 11.75 -4.28 3.12
CA MET A 156 11.86 -3.23 4.14
C MET A 156 12.54 -1.99 3.57
N SER A 157 13.59 -2.19 2.77
CA SER A 157 14.26 -1.08 2.11
C SER A 157 13.32 -0.31 1.21
N ASN A 158 12.45 -1.03 0.49
CA ASN A 158 11.52 -0.38 -0.42
C ASN A 158 10.45 0.40 0.33
N GLU A 159 10.05 -0.09 1.51
CA GLU A 159 9.13 0.69 2.34
C GLU A 159 9.79 1.97 2.84
N ILE A 160 11.07 1.87 3.22
CA ILE A 160 11.83 3.06 3.60
C ILE A 160 11.87 4.06 2.46
N LYS A 161 12.13 3.58 1.24
CA LYS A 161 12.23 4.44 0.07
C LYS A 161 10.90 5.15 -0.20
N GLY A 162 9.80 4.40 -0.15
CA GLY A 162 8.49 5.00 -0.35
C GLY A 162 8.13 6.00 0.72
N ASP A 163 8.57 5.75 1.96
CA ASP A 163 8.31 6.71 3.02
C ASP A 163 9.09 8.00 2.81
N GLN A 164 10.35 7.87 2.35
CA GLN A 164 11.12 9.05 1.99
C GLN A 164 10.44 9.85 0.89
N GLU A 165 9.92 9.15 -0.12
CA GLU A 165 9.21 9.83 -1.21
C GLU A 165 7.96 10.54 -0.69
N MET A 166 7.26 9.93 0.25
CA MET A 166 6.09 10.58 0.84
C MET A 166 6.49 11.81 1.64
N ILE A 167 7.64 11.75 2.32
CA ILE A 167 8.15 12.92 3.02
C ILE A 167 8.42 14.06 2.04
N LEU A 168 9.07 13.73 0.92
CA LEU A 168 9.32 14.75 -0.10
C LEU A 168 8.01 15.31 -0.65
N LEU A 169 7.03 14.43 -0.86
CA LEU A 169 5.70 14.88 -1.32
C LEU A 169 5.12 15.90 -0.35
N LEU A 170 5.12 15.57 0.94
CA LEU A 170 4.56 16.47 1.94
C LEU A 170 5.37 17.75 2.10
N SER A 171 6.63 17.76 1.70
CA SER A 171 7.48 18.93 1.91
C SER A 171 7.51 19.88 0.73
N LYS A 172 7.47 19.35 -0.50
CA LYS A 172 7.82 20.17 -1.66
C LYS A 172 6.73 20.29 -2.71
N LYS A 173 5.68 19.47 -2.66
CA LYS A 173 4.67 19.44 -3.71
C LYS A 173 3.42 20.19 -3.27
N ASN A 174 2.80 20.91 -4.21
CA ASN A 174 1.53 21.58 -3.96
C ASN A 174 0.37 20.60 -4.10
N ALA A 175 -0.86 21.09 -3.86
CA ALA A 175 -2.03 20.23 -3.91
C ALA A 175 -2.12 19.50 -5.25
N GLU A 176 -1.98 20.24 -6.35
CA GLU A 176 -2.07 19.65 -7.67
C GLU A 176 -1.02 18.54 -7.84
N GLU A 177 0.22 18.85 -7.46
CA GLU A 177 1.31 17.88 -7.61
C GLU A 177 1.14 16.71 -6.65
N ARG A 178 0.64 16.96 -5.44
CA ARG A 178 0.45 15.86 -4.48
C ARG A 178 -0.58 14.88 -4.99
N LEU A 179 -1.73 15.38 -5.45
CA LEU A 179 -2.76 14.47 -5.97
C LEU A 179 -2.28 13.74 -7.22
N ALA A 180 -1.57 14.44 -8.11
CA ALA A 180 -1.07 13.79 -9.30
C ALA A 180 -0.09 12.67 -8.95
N ALA A 181 0.81 12.93 -8.00
CA ALA A 181 1.75 11.89 -7.59
C ALA A 181 1.01 10.71 -6.96
N PHE A 182 0.00 10.97 -6.14
CA PHE A 182 -0.79 9.89 -5.55
C PHE A 182 -1.42 9.02 -6.63
N LEU A 183 -2.04 9.67 -7.63
CA LEU A 183 -2.73 8.92 -8.68
C LEU A 183 -1.75 8.16 -9.56
N TYR A 184 -0.61 8.78 -9.90
CA TYR A 184 0.40 8.11 -10.70
C TYR A 184 1.00 6.93 -9.96
N ASN A 185 1.20 7.06 -8.64
CA ASN A 185 1.72 5.98 -7.85
C ASN A 185 0.76 4.80 -7.83
N LEU A 186 -0.54 5.09 -7.64
CA LEU A 186 -1.52 4.01 -7.69
C LEU A 186 -1.54 3.34 -9.07
N SER A 187 -1.49 4.14 -10.14
CA SER A 187 -1.50 3.59 -11.49
C SER A 187 -0.31 2.65 -11.70
N THR A 188 0.90 3.09 -11.35
CA THR A 188 2.07 2.24 -11.55
CA THR A 188 2.06 2.24 -11.56
C THR A 188 2.02 0.99 -10.69
N ARG A 189 1.52 1.09 -9.46
CA ARG A 189 1.46 -0.11 -8.62
C ARG A 189 0.44 -1.11 -9.14
N PHE A 190 -0.72 -0.64 -9.60
CA PHE A 190 -1.71 -1.53 -10.18
C PHE A 190 -1.17 -2.17 -11.46
N HIS A 191 -0.39 -1.41 -12.23
CA HIS A 191 0.23 -1.96 -13.43
C HIS A 191 1.27 -3.02 -13.09
N GLN A 192 2.01 -2.81 -12.00
CA GLN A 192 2.96 -3.82 -11.54
C GLN A 192 2.23 -5.10 -11.15
N ARG A 193 1.06 -4.97 -10.51
CA ARG A 193 0.29 -6.13 -10.08
C ARG A 193 -0.49 -6.79 -11.21
N GLY A 194 -0.21 -6.43 -12.46
CA GLY A 194 -0.83 -7.06 -13.60
C GLY A 194 -2.17 -6.49 -14.00
N PHE A 195 -2.66 -5.45 -13.32
CA PHE A 195 -3.93 -4.83 -13.65
C PHE A 195 -3.75 -3.80 -14.76
N SER A 196 -4.84 -3.11 -15.09
CA SER A 196 -4.77 -2.07 -16.08
C SER A 196 -3.94 -0.90 -15.57
N PRO A 197 -2.97 -0.40 -16.35
CA PRO A 197 -2.31 0.85 -15.98
C PRO A 197 -3.18 2.06 -16.20
N ARG A 198 -4.29 1.91 -16.92
CA ARG A 198 -5.12 3.02 -17.37
C ARG A 198 -6.30 3.29 -16.45
N GLU A 199 -7.09 2.26 -16.12
CA GLU A 199 -8.31 2.43 -15.34
C GLU A 199 -8.19 1.66 -14.03
N PHE A 200 -8.59 2.30 -12.94
CA PHE A 200 -8.53 1.66 -11.63
C PHE A 200 -9.52 2.33 -10.69
N ARG A 201 -9.89 1.60 -9.64
CA ARG A 201 -10.88 2.07 -8.68
C ARG A 201 -10.19 2.65 -7.45
N LEU A 202 -10.69 3.80 -7.00
CA LEU A 202 -10.25 4.38 -5.72
C LEU A 202 -11.06 3.71 -4.62
N THR A 203 -10.49 2.68 -3.99
CA THR A 203 -11.21 1.97 -2.94
C THR A 203 -11.28 2.75 -1.63
N MET A 204 -10.39 3.72 -1.44
CA MET A 204 -10.41 4.55 -0.24
C MET A 204 -11.26 5.79 -0.50
N THR A 205 -11.91 6.27 0.55
CA THR A 205 -12.73 7.47 0.41
C THR A 205 -11.87 8.69 0.09
N ARG A 206 -12.51 9.70 -0.48
CA ARG A 206 -11.80 10.93 -0.78
C ARG A 206 -11.35 11.64 0.48
N GLY A 207 -12.11 11.51 1.58
CA GLY A 207 -11.65 12.02 2.86
C GLY A 207 -10.36 11.37 3.31
N ASP A 208 -10.23 10.05 3.12
CA ASP A 208 -8.99 9.38 3.46
C ASP A 208 -7.86 9.82 2.54
N ILE A 209 -8.15 10.09 1.27
CA ILE A 209 -7.12 10.58 0.35
C ILE A 209 -6.61 11.94 0.81
N GLY A 210 -7.53 12.84 1.18
CA GLY A 210 -7.13 14.15 1.65
C GLY A 210 -6.36 14.08 2.96
N ASN A 211 -6.81 13.20 3.86
CA ASN A 211 -6.05 12.97 5.09
C ASN A 211 -4.62 12.56 4.78
N TYR A 212 -4.46 11.61 3.84
CA TYR A 212 -3.14 11.08 3.53
C TYR A 212 -2.26 12.13 2.85
N LEU A 213 -2.86 12.97 2.00
CA LEU A 213 -2.10 13.96 1.26
C LEU A 213 -2.07 15.33 1.94
N GLY A 214 -2.86 15.53 2.99
CA GLY A 214 -2.92 16.83 3.64
C GLY A 214 -3.76 17.84 2.89
N LEU A 215 -4.84 17.40 2.26
CA LEU A 215 -5.69 18.27 1.45
C LEU A 215 -7.14 18.18 1.95
N THR A 216 -7.95 19.13 1.50
CA THR A 216 -9.37 19.06 1.80
C THR A 216 -10.09 18.22 0.75
N VAL A 217 -11.25 17.70 1.15
CA VAL A 217 -12.04 16.89 0.23
C VAL A 217 -12.50 17.74 -0.94
N GLU A 218 -12.87 19.00 -0.68
CA GLU A 218 -13.28 19.87 -1.78
C GLU A 218 -12.10 20.25 -2.66
N THR A 219 -10.92 20.41 -2.07
CA THR A 219 -9.71 20.59 -2.88
C THR A 219 -9.49 19.39 -3.80
N ILE A 220 -9.68 18.18 -3.28
CA ILE A 220 -9.51 16.98 -4.10
C ILE A 220 -10.54 16.97 -5.23
N SER A 221 -11.78 17.34 -4.92
CA SER A 221 -12.83 17.33 -5.94
C SER A 221 -12.55 18.37 -7.03
N ARG A 222 -12.07 19.56 -6.64
CA ARG A 222 -11.76 20.58 -7.62
C ARG A 222 -10.55 20.18 -8.47
N LEU A 223 -9.55 19.56 -7.85
CA LEU A 223 -8.41 19.08 -8.61
C LEU A 223 -8.82 18.01 -9.61
N LEU A 224 -9.70 17.09 -9.22
CA LEU A 224 -10.19 16.08 -10.15
C LEU A 224 -11.00 16.71 -11.28
N GLY A 225 -11.82 17.71 -10.95
CA GLY A 225 -12.51 18.45 -12.00
C GLY A 225 -11.55 19.05 -13.00
N ARG A 226 -10.47 19.67 -12.50
CA ARG A 226 -9.49 20.29 -13.38
C ARG A 226 -8.76 19.24 -14.23
N PHE A 227 -8.40 18.12 -13.61
CA PHE A 227 -7.72 17.05 -14.34
C PHE A 227 -8.63 16.51 -15.46
N GLN A 228 -9.93 16.41 -15.18
CA GLN A 228 -10.86 15.97 -16.20
C GLN A 228 -11.10 17.03 -17.27
N LYS A 229 -11.00 18.31 -16.90
CA LYS A 229 -11.21 19.39 -17.85
C LYS A 229 -10.10 19.42 -18.91
N THR A 230 -8.87 19.09 -18.52
CA THR A 230 -7.75 19.02 -19.46
C THR A 230 -7.69 17.69 -20.20
N GLU A 231 -8.69 16.83 -20.02
CA GLU A 231 -8.75 15.49 -20.60
C GLU A 231 -7.63 14.58 -20.14
N MET A 232 -6.82 15.00 -19.16
CA MET A 232 -5.79 14.12 -18.63
C MET A 232 -6.41 12.89 -17.96
N LEU A 233 -7.53 13.10 -17.26
CA LEU A 233 -8.24 12.03 -16.58
C LEU A 233 -9.71 12.05 -16.96
N THR A 234 -10.34 10.90 -16.74
CA THR A 234 -11.79 10.75 -16.71
C THR A 234 -12.17 10.17 -15.36
N VAL A 235 -13.08 10.85 -14.67
CA VAL A 235 -13.53 10.42 -13.35
C VAL A 235 -14.99 10.01 -13.45
N LYS A 236 -15.30 8.79 -13.02
CA LYS A 236 -16.67 8.29 -13.04
C LYS A 236 -16.89 7.52 -11.73
N GLY A 237 -17.59 8.16 -10.80
CA GLY A 237 -17.72 7.60 -9.46
C GLY A 237 -16.36 7.49 -8.81
N LYS A 238 -16.01 6.27 -8.39
CA LYS A 238 -14.71 6.01 -7.80
C LYS A 238 -13.70 5.47 -8.82
N TYR A 239 -14.05 5.45 -10.11
CA TYR A 239 -13.17 4.91 -11.14
C TYR A 239 -12.42 6.04 -11.83
N ILE A 240 -11.10 5.86 -11.95
CA ILE A 240 -10.22 6.82 -12.58
C ILE A 240 -9.70 6.20 -13.87
N THR A 241 -9.73 6.98 -14.94
CA THR A 241 -9.18 6.59 -16.23
C THR A 241 -8.13 7.61 -16.61
N ILE A 242 -6.90 7.15 -16.82
CA ILE A 242 -5.81 8.03 -17.21
C ILE A 242 -5.73 8.04 -18.73
N ASN A 243 -5.84 9.22 -19.32
CA ASN A 243 -5.78 9.36 -20.76
C ASN A 243 -4.45 9.90 -21.25
N ASP A 244 -3.73 10.65 -20.41
CA ASP A 244 -2.42 11.20 -20.74
C ASP A 244 -1.49 10.90 -19.57
N HIS A 245 -0.78 9.77 -19.67
CA HIS A 245 0.17 9.40 -18.63
C HIS A 245 1.37 10.35 -18.60
N ASP A 246 1.71 10.95 -19.74
CA ASP A 246 2.83 11.88 -19.78
C ASP A 246 2.56 13.13 -18.97
N ALA A 247 1.37 13.71 -19.13
CA ALA A 247 1.00 14.89 -18.36
C ALA A 247 0.87 14.56 -16.87
N LEU A 248 0.30 13.40 -16.56
CA LEU A 248 0.16 12.99 -15.17
C LEU A 248 1.53 12.80 -14.52
N ALA A 249 2.46 12.15 -15.22
CA ALA A 249 3.79 11.97 -14.69
C ALA A 249 4.54 13.30 -14.60
N GLU A 250 4.24 14.24 -15.50
CA GLU A 250 4.84 15.56 -15.43
C GLU A 250 4.43 16.25 -14.13
N LEU A 251 3.14 16.23 -13.83
CA LEU A 251 2.68 16.82 -12.57
C LEU A 251 3.17 16.03 -11.36
N ALA A 252 3.35 14.72 -11.51
CA ALA A 252 3.71 13.88 -10.38
C ALA A 252 5.18 14.00 -10.02
N GLY A 253 6.05 14.19 -11.01
CA GLY A 253 7.47 14.32 -10.81
C GLY A 253 7.96 15.74 -10.68
N SER A 254 7.06 16.72 -10.59
CA SER A 254 7.45 18.12 -10.45
C SER A 254 7.16 18.61 -9.03
N ALA A 255 7.97 19.58 -8.60
CA ALA A 255 7.83 20.26 -7.31
C ALA A 255 8.00 21.76 -7.56
N LYS A 256 7.04 22.34 -8.28
CA LYS A 256 7.14 23.69 -8.82
C LYS A 256 6.51 24.76 -7.91
N GLU A 257 6.07 24.39 -6.71
CA GLU A 257 5.44 25.34 -5.81
C GLU A 257 6.51 26.09 -5.03
N ILE A 258 6.58 27.40 -5.23
CA ILE A 258 7.47 28.25 -4.46
C ILE A 258 6.69 28.79 -3.26
N LYS A 259 7.21 28.54 -2.05
CA LYS A 259 6.54 29.00 -0.82
C LYS A 259 7.52 29.06 0.36
#